data_1RVI
#
_entry.id   1RVI
#
_entity_poly.entity_id   1
_entity_poly.type   'polydeoxyribonucleotide'
_entity_poly.pdbx_seq_one_letter_code
;(DC)(DG)(DT)(DT)(DT)(DT)(DA)(DA)(DA)(DA)(DC)(DG)
;
_entity_poly.pdbx_strand_id   A,B
#